data_2CLS
#
_entry.id   2CLS
#
_cell.length_a   67.168
_cell.length_b   67.762
_cell.length_c   206.409
_cell.angle_alpha   90.00
_cell.angle_beta   90.00
_cell.angle_gamma   90.00
#
_symmetry.space_group_name_H-M   'C 2 2 21'
#
loop_
_entity.id
_entity.type
_entity.pdbx_description
1 polymer 'RHO-RELATED GTP-BINDING PROTEIN RHO6'
2 non-polymer "GUANOSINE-5'-TRIPHOSPHATE"
3 non-polymer 'MAGNESIUM ION'
4 water water
#
_entity_poly.entity_id   1
_entity_poly.type   'polypeptide(L)'
_entity_poly.pdbx_seq_one_letter_code
;SMRAPQPVVARCKLVLVGDVQCGKTAMLQVLAKDCYPETYVPTVFENYTACLETEEQRVELSLWDTSGSPYYDNVRPLCY
SDSDAVLLCFDISRPETVDSALKKWRTEILDYCPSTRVLLIGCKTDLRTDLSTLMELSHQKQAPISYEQGCAIAKQLGAE
IYLEGSAFTSEKSIHSIFRTASMLCLNKPSPLPQKSPV
;
_entity_poly.pdbx_strand_id   A,B
#
loop_
_chem_comp.id
_chem_comp.type
_chem_comp.name
_chem_comp.formula
GTP non-polymer GUANOSINE-5'-TRIPHOSPHATE 'C10 H16 N5 O14 P3'
MG non-polymer 'MAGNESIUM ION' 'Mg 2'
#
# COMPACT_ATOMS: atom_id res chain seq x y z
N VAL A 8 24.96 -5.52 21.35
CA VAL A 8 24.10 -4.67 20.47
C VAL A 8 23.04 -5.49 19.75
N VAL A 9 21.77 -5.18 20.01
CA VAL A 9 20.66 -5.78 19.23
C VAL A 9 20.50 -5.02 17.90
N ALA A 10 20.94 -5.65 16.81
CA ALA A 10 20.90 -5.02 15.48
C ALA A 10 19.49 -5.05 14.93
N ARG A 11 19.14 -4.05 14.12
CA ARG A 11 17.82 -4.01 13.51
C ARG A 11 17.92 -4.12 11.99
N CYS A 12 16.97 -4.85 11.41
CA CYS A 12 17.04 -5.22 10.01
C CYS A 12 15.64 -5.28 9.34
N LYS A 13 15.46 -4.52 8.26
CA LYS A 13 14.21 -4.52 7.50
C LYS A 13 14.26 -5.39 6.23
N LEU A 14 13.43 -6.44 6.22
CA LEU A 14 13.33 -7.35 5.09
C LEU A 14 11.93 -7.30 4.47
N VAL A 15 11.87 -7.23 3.13
CA VAL A 15 10.60 -7.25 2.40
C VAL A 15 10.53 -8.49 1.52
N LEU A 16 9.43 -9.23 1.59
CA LEU A 16 9.24 -10.39 0.70
C LEU A 16 8.24 -10.07 -0.41
N VAL A 17 8.66 -10.44 -1.63
CA VAL A 17 7.88 -10.31 -2.83
C VAL A 17 7.99 -11.59 -3.67
N GLY A 18 7.04 -11.75 -4.58
CA GLY A 18 6.94 -12.93 -5.42
C GLY A 18 5.50 -13.28 -5.72
N ASP A 19 5.32 -14.20 -6.66
CA ASP A 19 3.98 -14.57 -7.15
C ASP A 19 3.02 -15.03 -6.07
N VAL A 20 1.74 -14.82 -6.36
CA VAL A 20 0.63 -15.30 -5.54
C VAL A 20 0.84 -16.78 -5.25
N GLN A 21 0.59 -17.20 -4.01
CA GLN A 21 0.70 -18.60 -3.56
C GLN A 21 2.08 -19.23 -3.59
N CYS A 22 3.13 -18.44 -3.77
CA CYS A 22 4.49 -19.00 -3.86
C CYS A 22 5.07 -19.47 -2.52
N GLY A 23 4.52 -18.98 -1.40
CA GLY A 23 4.92 -19.44 -0.06
C GLY A 23 5.46 -18.41 0.92
N LYS A 24 5.27 -17.12 0.61
CA LYS A 24 5.76 -15.99 1.40
C LYS A 24 5.17 -15.94 2.83
N THR A 25 3.86 -15.94 2.93
CA THR A 25 3.17 -15.87 4.21
C THR A 25 3.45 -17.11 5.06
N ALA A 26 3.48 -18.29 4.43
CA ALA A 26 3.76 -19.54 5.15
C ALA A 26 5.13 -19.49 5.86
N MET A 27 6.14 -18.98 5.17
CA MET A 27 7.44 -18.74 5.77
C MET A 27 7.39 -17.78 6.99
N LEU A 28 6.70 -16.66 6.84
CA LEU A 28 6.65 -15.65 7.89
C LEU A 28 5.91 -16.11 9.13
N GLN A 29 4.84 -16.86 8.92
CA GLN A 29 4.05 -17.41 10.00
C GLN A 29 4.83 -18.45 10.77
N VAL A 30 5.57 -19.29 10.05
CA VAL A 30 6.45 -20.24 10.72
C VAL A 30 7.54 -19.50 11.51
N LEU A 31 8.22 -18.58 10.86
CA LEU A 31 9.31 -17.85 11.50
C LEU A 31 8.87 -17.06 12.74
N ALA A 32 7.83 -16.26 12.59
CA ALA A 32 7.42 -15.29 13.61
C ALA A 32 6.37 -15.81 14.60
N LYS A 33 5.56 -16.80 14.19
CA LYS A 33 4.46 -17.33 15.04
C LYS A 33 4.50 -18.84 15.29
N ASP A 34 5.52 -19.54 14.79
CA ASP A 34 5.57 -21.01 14.92
C ASP A 34 4.26 -21.64 14.45
N CYS A 35 3.74 -21.11 13.34
CA CYS A 35 2.42 -21.44 12.83
C CYS A 35 2.49 -21.66 11.34
N TYR A 36 1.93 -22.75 10.83
CA TYR A 36 1.86 -22.97 9.39
C TYR A 36 0.39 -22.84 8.94
N PRO A 37 0.12 -22.06 7.88
CA PRO A 37 -1.24 -21.96 7.34
C PRO A 37 -1.49 -22.90 6.13
N GLU A 38 -2.11 -24.05 6.38
CA GLU A 38 -2.42 -25.06 5.35
C GLU A 38 -3.42 -24.56 4.29
N THR A 39 -4.37 -23.73 4.73
CA THR A 39 -5.32 -23.04 3.85
C THR A 39 -4.78 -21.67 3.38
N TYR A 40 -4.87 -21.43 2.07
CA TYR A 40 -4.45 -20.18 1.46
C TYR A 40 -5.40 -19.02 1.74
N VAL A 41 -4.87 -17.98 2.40
CA VAL A 41 -5.51 -16.69 2.50
C VAL A 41 -4.62 -15.60 1.88
N PRO A 42 -5.08 -14.98 0.77
CA PRO A 42 -4.26 -13.99 0.08
C PRO A 42 -3.90 -12.83 0.99
N THR A 43 -2.64 -12.39 0.93
CA THR A 43 -2.20 -11.25 1.68
C THR A 43 -2.56 -9.95 0.99
N VAL A 44 -2.91 -8.95 1.78
CA VAL A 44 -2.93 -7.59 1.25
C VAL A 44 -1.55 -7.04 1.65
N PHE A 45 -1.41 -6.65 2.92
CA PHE A 45 -0.14 -6.28 3.53
C PHE A 45 -0.12 -6.67 5.02
N GLU A 46 1.02 -7.16 5.49
CA GLU A 46 1.19 -7.44 6.90
C GLU A 46 2.62 -7.16 7.30
N ASN A 47 2.81 -6.85 8.58
CA ASN A 47 4.11 -6.68 9.20
C ASN A 47 4.34 -7.70 10.29
N TYR A 48 5.54 -8.24 10.34
CA TYR A 48 5.92 -9.15 11.41
C TYR A 48 7.19 -8.67 12.08
N THR A 49 7.35 -9.11 13.32
CA THR A 49 8.57 -8.85 14.08
C THR A 49 9.11 -10.18 14.55
N ALA A 50 10.39 -10.44 14.26
CA ALA A 50 11.06 -11.61 14.80
C ALA A 50 12.46 -11.28 15.35
N CYS A 51 12.81 -11.90 16.47
CA CYS A 51 14.16 -11.82 17.01
C CYS A 51 14.88 -13.12 16.73
N LEU A 52 16.14 -13.04 16.33
CA LEU A 52 16.99 -14.21 16.27
C LEU A 52 18.46 -13.86 16.57
N GLU A 53 19.26 -14.90 16.80
CA GLU A 53 20.72 -14.76 16.96
C GLU A 53 21.40 -15.11 15.63
N THR A 54 22.20 -14.19 15.10
CA THR A 54 22.87 -14.39 13.80
C THR A 54 24.38 -14.24 13.93
N GLU A 55 25.03 -15.33 14.36
CA GLU A 55 26.49 -15.50 14.46
C GLU A 55 27.08 -14.90 15.69
N GLU A 56 27.10 -13.58 15.72
CA GLU A 56 27.77 -12.82 16.77
C GLU A 56 26.90 -11.65 17.23
N GLN A 57 25.61 -11.71 16.90
CA GLN A 57 24.67 -10.59 17.02
C GLN A 57 23.25 -11.09 17.38
N ARG A 58 22.56 -10.32 18.20
CA ARG A 58 21.11 -10.44 18.29
C ARG A 58 20.58 -9.50 17.22
N VAL A 59 19.58 -9.95 16.47
CA VAL A 59 18.99 -9.13 15.43
C VAL A 59 17.49 -9.05 15.65
N GLU A 60 16.94 -7.86 15.49
CA GLU A 60 15.51 -7.68 15.47
C GLU A 60 15.06 -7.46 14.02
N LEU A 61 14.28 -8.40 13.50
CA LEU A 61 13.79 -8.31 12.11
C LEU A 61 12.41 -7.64 12.04
N SER A 62 12.29 -6.67 11.14
CA SER A 62 11.01 -6.09 10.77
C SER A 62 10.72 -6.65 9.38
N LEU A 63 9.68 -7.48 9.26
CA LEU A 63 9.39 -8.24 8.04
C LEU A 63 8.10 -7.76 7.40
N TRP A 64 8.20 -7.38 6.13
CA TRP A 64 7.06 -6.84 5.39
C TRP A 64 6.58 -7.90 4.40
N ASP A 65 5.34 -8.34 4.58
CA ASP A 65 4.69 -9.30 3.71
C ASP A 65 3.83 -8.52 2.71
N THR A 66 4.01 -8.83 1.43
CA THR A 66 3.28 -8.19 0.36
C THR A 66 2.49 -9.22 -0.45
N SER A 67 1.49 -8.74 -1.16
CA SER A 67 0.73 -9.55 -2.11
C SER A 67 1.50 -9.75 -3.39
N GLY A 68 1.45 -10.97 -3.90
CA GLY A 68 1.99 -11.23 -5.21
C GLY A 68 1.16 -10.73 -6.38
N SER A 69 -0.03 -10.19 -6.11
CA SER A 69 -0.99 -9.82 -7.16
C SER A 69 -0.63 -8.49 -7.84
N PRO A 70 -0.72 -8.46 -9.18
CA PRO A 70 -0.50 -7.24 -9.94
C PRO A 70 -1.49 -6.11 -9.65
N TYR A 71 -2.66 -6.45 -9.15
CA TYR A 71 -3.63 -5.49 -8.63
C TYR A 71 -2.99 -4.45 -7.69
N TYR A 72 -1.93 -4.86 -6.97
CA TYR A 72 -1.25 -4.02 -5.97
C TYR A 72 0.07 -3.43 -6.44
N ASP A 73 0.32 -3.41 -7.76
CA ASP A 73 1.59 -2.92 -8.31
C ASP A 73 1.87 -1.46 -8.02
N ASN A 74 0.82 -0.63 -8.07
CA ASN A 74 0.93 0.80 -7.75
C ASN A 74 1.30 1.13 -6.31
N VAL A 75 0.96 0.25 -5.37
CA VAL A 75 1.13 0.51 -3.93
C VAL A 75 2.25 -0.30 -3.24
N ARG A 76 2.61 -1.46 -3.79
CA ARG A 76 3.66 -2.31 -3.19
C ARG A 76 5.04 -1.66 -3.01
N PRO A 77 5.54 -0.94 -4.04
CA PRO A 77 6.84 -0.28 -3.89
C PRO A 77 6.97 0.65 -2.68
N LEU A 78 5.86 1.13 -2.13
CA LEU A 78 5.92 2.00 -0.95
C LEU A 78 6.59 1.30 0.23
N CYS A 79 6.58 -0.03 0.29
CA CYS A 79 7.23 -0.66 1.45
C CYS A 79 8.71 -0.97 1.29
N TYR A 80 9.27 -0.66 0.11
CA TYR A 80 10.68 -0.89 -0.17
C TYR A 80 11.62 0.09 0.53
N SER A 81 11.11 1.26 0.95
CA SER A 81 11.99 2.29 1.52
C SER A 81 12.79 1.81 2.73
N ASP A 82 14.10 2.08 2.71
CA ASP A 82 14.98 1.82 3.84
C ASP A 82 15.08 0.33 4.19
N SER A 83 14.82 -0.52 3.20
CA SER A 83 14.90 -1.95 3.42
C SER A 83 16.37 -2.39 3.36
N ASP A 84 16.74 -3.32 4.22
CA ASP A 84 18.09 -3.88 4.19
C ASP A 84 18.23 -4.92 3.07
N ALA A 85 17.17 -5.66 2.79
CA ALA A 85 17.13 -6.54 1.62
C ALA A 85 15.69 -6.86 1.24
N VAL A 86 15.48 -7.14 -0.05
CA VAL A 86 14.24 -7.67 -0.58
C VAL A 86 14.47 -9.18 -0.83
N LEU A 87 13.58 -10.00 -0.29
CA LEU A 87 13.61 -11.43 -0.53
C LEU A 87 12.65 -11.75 -1.68
N LEU A 88 13.23 -12.10 -2.82
CA LEU A 88 12.52 -12.44 -4.01
C LEU A 88 12.22 -13.94 -3.94
N CYS A 89 10.95 -14.27 -3.73
CA CYS A 89 10.54 -15.61 -3.46
C CYS A 89 9.89 -16.25 -4.69
N PHE A 90 10.03 -17.57 -4.82
CA PHE A 90 9.39 -18.32 -5.89
C PHE A 90 9.08 -19.74 -5.39
N ASP A 91 8.06 -20.35 -5.99
CA ASP A 91 7.62 -21.73 -5.71
C ASP A 91 8.46 -22.69 -6.59
N ILE A 92 9.25 -23.52 -5.95
CA ILE A 92 10.11 -24.52 -6.62
C ILE A 92 9.30 -25.47 -7.52
N SER A 93 8.03 -25.67 -7.16
CA SER A 93 7.14 -26.54 -7.95
C SER A 93 6.50 -25.83 -9.12
N ARG A 94 6.84 -24.57 -9.32
CA ARG A 94 6.22 -23.86 -10.40
C ARG A 94 7.27 -23.11 -11.20
N PRO A 95 8.03 -23.84 -12.05
CA PRO A 95 9.01 -23.24 -12.97
C PRO A 95 8.32 -22.26 -13.91
N GLU A 96 7.93 -21.13 -13.30
CA GLU A 96 7.04 -20.14 -13.89
C GLU A 96 6.84 -18.97 -12.91
N THR A 97 6.72 -19.24 -11.60
CA THR A 97 6.90 -18.17 -10.61
C THR A 97 8.38 -17.72 -10.67
N VAL A 98 9.21 -18.60 -11.24
CA VAL A 98 10.59 -18.35 -11.64
C VAL A 98 10.71 -17.60 -12.96
N ASP A 99 10.05 -18.13 -13.99
CA ASP A 99 10.45 -17.95 -15.41
C ASP A 99 10.73 -16.52 -15.79
N SER A 100 9.76 -15.88 -16.45
CA SER A 100 9.83 -14.44 -16.71
C SER A 100 9.37 -13.64 -15.51
N ALA A 101 8.86 -14.32 -14.47
CA ALA A 101 8.14 -13.61 -13.38
C ALA A 101 9.16 -13.05 -12.44
N LEU A 102 10.20 -13.82 -12.14
CA LEU A 102 11.32 -13.30 -11.40
C LEU A 102 12.06 -12.16 -12.07
N LYS A 103 12.02 -12.05 -13.41
CA LYS A 103 12.48 -10.84 -14.15
C LYS A 103 11.61 -9.56 -13.88
N LYS A 104 10.29 -9.67 -14.11
CA LYS A 104 9.32 -8.71 -13.59
C LYS A 104 9.58 -8.28 -12.15
N TRP A 105 9.70 -9.25 -11.24
CA TRP A 105 9.98 -8.93 -9.84
C TRP A 105 11.31 -8.20 -9.64
N ARG A 106 12.36 -8.68 -10.28
CA ARG A 106 13.69 -8.07 -10.18
C ARG A 106 13.75 -6.63 -10.72
N THR A 107 13.00 -6.39 -11.79
CA THR A 107 12.88 -5.06 -12.40
C THR A 107 12.13 -4.06 -11.51
N GLU A 108 11.04 -4.52 -10.89
CA GLU A 108 10.30 -3.68 -9.96
C GLU A 108 11.24 -3.24 -8.85
N ILE A 109 12.05 -4.16 -8.31
CA ILE A 109 13.01 -3.81 -7.23
C ILE A 109 14.10 -2.84 -7.74
N LEU A 110 14.64 -3.14 -8.91
CA LEU A 110 15.59 -2.24 -9.56
C LEU A 110 15.02 -0.82 -9.83
N ASP A 111 13.81 -0.77 -10.39
CA ASP A 111 13.09 0.48 -10.63
C ASP A 111 12.79 1.28 -9.33
N TYR A 112 12.63 0.62 -8.19
CA TYR A 112 12.59 1.35 -6.91
C TYR A 112 13.96 1.96 -6.56
N CYS A 113 14.99 1.11 -6.46
CA CYS A 113 16.34 1.56 -6.16
C CYS A 113 17.32 0.43 -6.46
N PRO A 114 18.25 0.65 -7.41
CA PRO A 114 19.27 -0.35 -7.78
C PRO A 114 20.27 -0.71 -6.69
N SER A 115 20.24 0.02 -5.57
CA SER A 115 21.19 -0.19 -4.48
C SER A 115 20.68 -1.25 -3.51
N THR A 116 19.40 -1.59 -3.60
CA THR A 116 18.81 -2.51 -2.66
C THR A 116 19.23 -3.96 -3.00
N ARG A 117 19.70 -4.62 -1.94
CA ARG A 117 20.17 -5.98 -1.93
C ARG A 117 19.00 -6.94 -2.16
N VAL A 118 19.25 -7.96 -2.98
CA VAL A 118 18.25 -8.95 -3.33
C VAL A 118 18.76 -10.33 -3.00
N LEU A 119 17.94 -11.10 -2.31
CA LEU A 119 18.17 -12.48 -1.99
C LEU A 119 17.11 -13.31 -2.67
N LEU A 120 17.48 -14.41 -3.32
CA LEU A 120 16.52 -15.30 -3.95
C LEU A 120 16.16 -16.45 -3.02
N ILE A 121 14.86 -16.62 -2.79
CA ILE A 121 14.38 -17.61 -1.86
C ILE A 121 13.45 -18.61 -2.56
N GLY A 122 13.87 -19.86 -2.57
CA GLY A 122 13.09 -20.98 -3.04
C GLY A 122 12.21 -21.54 -1.94
N CYS A 123 10.94 -21.74 -2.29
CA CYS A 123 9.92 -22.16 -1.36
C CYS A 123 9.38 -23.54 -1.76
N LYS A 124 8.87 -24.29 -0.80
CA LYS A 124 8.18 -25.57 -1.03
C LYS A 124 9.10 -26.66 -1.57
N THR A 125 10.32 -26.74 -1.03
CA THR A 125 11.27 -27.76 -1.50
C THR A 125 10.82 -29.21 -1.29
N ASP A 126 9.86 -29.44 -0.38
CA ASP A 126 9.26 -30.79 -0.20
C ASP A 126 8.56 -31.31 -1.46
N LEU A 127 8.13 -30.41 -2.32
CA LEU A 127 7.47 -30.77 -3.57
C LEU A 127 8.44 -31.31 -4.63
N ARG A 128 9.74 -31.21 -4.38
CA ARG A 128 10.73 -31.73 -5.30
C ARG A 128 10.59 -33.24 -5.52
N THR A 129 10.18 -33.97 -4.48
CA THR A 129 9.97 -35.42 -4.57
C THR A 129 8.50 -35.83 -4.52
N ASP A 130 7.60 -34.85 -4.59
CA ASP A 130 6.16 -35.11 -4.66
C ASP A 130 5.75 -35.60 -6.05
N LEU A 131 5.09 -36.76 -6.12
CA LEU A 131 4.76 -37.41 -7.40
C LEU A 131 3.67 -36.69 -8.22
N SER A 132 2.65 -36.11 -7.57
CA SER A 132 1.69 -35.25 -8.29
C SER A 132 2.36 -34.06 -9.02
N THR A 133 3.16 -33.31 -8.29
CA THR A 133 3.98 -32.22 -8.87
C THR A 133 4.84 -32.71 -10.05
N LEU A 134 5.57 -33.81 -9.85
CA LEU A 134 6.45 -34.37 -10.88
C LEU A 134 5.71 -34.71 -12.17
N MET A 135 4.61 -35.44 -12.06
CA MET A 135 3.85 -35.84 -13.26
C MET A 135 3.12 -34.67 -13.94
N GLU A 136 2.48 -33.84 -13.14
CA GLU A 136 1.83 -32.64 -13.63
C GLU A 136 2.79 -31.75 -14.42
N LEU A 137 4.03 -31.61 -13.94
CA LEU A 137 5.05 -30.83 -14.65
C LEU A 137 5.68 -31.58 -15.83
N SER A 138 5.70 -32.92 -15.79
CA SER A 138 6.34 -33.73 -16.83
C SER A 138 5.63 -33.61 -18.17
N HIS A 139 4.30 -33.51 -18.16
CA HIS A 139 3.58 -33.28 -19.42
C HIS A 139 3.48 -31.80 -19.82
N GLN A 140 4.12 -30.92 -19.04
CA GLN A 140 4.54 -29.59 -19.51
C GLN A 140 6.02 -29.60 -19.97
N LYS A 141 6.63 -30.78 -19.99
CA LYS A 141 8.08 -30.97 -20.26
C LYS A 141 8.95 -30.17 -19.28
N GLN A 142 8.54 -30.21 -18.02
CA GLN A 142 9.20 -29.48 -16.93
C GLN A 142 9.44 -30.36 -15.69
N ALA A 143 10.18 -29.80 -14.74
CA ALA A 143 10.54 -30.48 -13.51
C ALA A 143 10.74 -29.42 -12.44
N PRO A 144 10.54 -29.78 -11.16
CA PRO A 144 10.79 -28.82 -10.07
C PRO A 144 12.17 -28.14 -10.18
N ILE A 145 12.25 -26.91 -9.72
CA ILE A 145 13.54 -26.19 -9.72
C ILE A 145 14.47 -26.87 -8.73
N SER A 146 15.64 -27.32 -9.20
CA SER A 146 16.68 -27.88 -8.32
C SER A 146 17.51 -26.79 -7.61
N TYR A 147 18.21 -27.20 -6.57
CA TYR A 147 19.13 -26.33 -5.88
C TYR A 147 20.11 -25.70 -6.87
N GLU A 148 20.69 -26.51 -7.77
CA GLU A 148 21.63 -25.99 -8.77
C GLU A 148 21.04 -24.88 -9.64
N GLN A 149 19.83 -25.11 -10.12
CA GLN A 149 19.06 -24.10 -10.90
C GLN A 149 18.75 -22.84 -10.10
N GLY A 150 18.40 -23.01 -8.83
CA GLY A 150 18.27 -21.85 -7.95
C GLY A 150 19.51 -20.97 -7.95
N CYS A 151 20.67 -21.58 -7.83
CA CYS A 151 21.93 -20.83 -7.84
C CYS A 151 22.18 -20.09 -9.16
N ALA A 152 21.86 -20.75 -10.26
CA ALA A 152 21.99 -20.17 -11.59
C ALA A 152 21.03 -19.00 -11.80
N ILE A 153 19.80 -19.15 -11.33
CA ILE A 153 18.83 -18.05 -11.38
C ILE A 153 19.27 -16.84 -10.57
N ALA A 154 19.79 -17.08 -9.37
CA ALA A 154 20.32 -16.02 -8.50
C ALA A 154 21.38 -15.21 -9.23
N LYS A 155 22.26 -15.91 -9.94
CA LYS A 155 23.30 -15.24 -10.70
C LYS A 155 22.72 -14.34 -11.76
N GLN A 156 21.77 -14.87 -12.52
CA GLN A 156 21.25 -14.09 -13.65
C GLN A 156 20.33 -12.95 -13.25
N LEU A 157 19.77 -13.02 -12.03
CA LEU A 157 18.99 -11.93 -11.43
C LEU A 157 19.81 -11.03 -10.52
N GLY A 158 21.13 -11.27 -10.42
CA GLY A 158 21.98 -10.42 -9.58
C GLY A 158 21.62 -10.50 -8.09
N ALA A 159 21.14 -11.65 -7.63
CA ALA A 159 20.84 -11.85 -6.21
C ALA A 159 22.15 -12.24 -5.51
N GLU A 160 22.34 -11.85 -4.26
CA GLU A 160 23.57 -12.18 -3.53
C GLU A 160 23.68 -13.66 -3.18
N ILE A 161 22.54 -14.32 -3.05
CA ILE A 161 22.53 -15.71 -2.64
C ILE A 161 21.24 -16.33 -3.08
N TYR A 162 21.29 -17.66 -3.22
CA TYR A 162 20.11 -18.51 -3.27
C TYR A 162 20.00 -19.30 -1.97
N LEU A 163 18.84 -19.17 -1.32
CA LEU A 163 18.51 -19.91 -0.13
C LEU A 163 17.18 -20.59 -0.40
N GLU A 164 16.96 -21.73 0.22
CA GLU A 164 15.68 -22.44 0.09
C GLU A 164 15.26 -23.19 1.36
N GLY A 165 13.97 -23.49 1.43
CA GLY A 165 13.41 -24.17 2.59
C GLY A 165 12.10 -24.84 2.27
N SER A 166 11.44 -25.31 3.32
CA SER A 166 10.12 -25.90 3.24
C SER A 166 9.39 -25.49 4.49
N ALA A 167 8.48 -24.52 4.40
CA ALA A 167 7.70 -24.09 5.57
C ALA A 167 6.83 -25.23 6.09
N PHE A 168 6.36 -26.06 5.16
CA PHE A 168 5.48 -27.17 5.44
C PHE A 168 6.17 -28.30 6.20
N THR A 169 7.40 -28.67 5.84
CA THR A 169 8.03 -29.86 6.48
C THR A 169 9.27 -29.56 7.35
N SER A 170 9.80 -28.34 7.34
CA SER A 170 11.01 -28.03 8.13
C SER A 170 11.06 -26.58 8.59
N GLU A 171 10.61 -26.36 9.82
CA GLU A 171 10.64 -25.03 10.42
C GLU A 171 12.10 -24.52 10.58
N LYS A 172 13.03 -25.44 10.82
CA LYS A 172 14.45 -25.10 10.97
C LYS A 172 15.06 -24.61 9.65
N SER A 173 14.58 -25.12 8.52
CA SER A 173 15.01 -24.60 7.22
C SER A 173 14.64 -23.12 7.07
N ILE A 174 13.51 -22.74 7.62
CA ILE A 174 13.03 -21.35 7.57
C ILE A 174 13.81 -20.43 8.51
N HIS A 175 13.98 -20.82 9.77
CA HIS A 175 14.82 -20.05 10.69
C HIS A 175 16.25 -19.88 10.15
N SER A 176 16.76 -20.91 9.48
CA SER A 176 18.07 -20.83 8.86
C SER A 176 18.15 -19.82 7.70
N ILE A 177 17.14 -19.77 6.83
CA ILE A 177 17.08 -18.75 5.78
C ILE A 177 17.23 -17.33 6.33
N PHE A 178 16.48 -17.02 7.37
CA PHE A 178 16.47 -15.68 7.95
C PHE A 178 17.68 -15.32 8.81
N ARG A 179 18.28 -16.30 9.47
CA ARG A 179 19.59 -16.11 10.08
C ARG A 179 20.65 -15.71 9.05
N THR A 180 20.73 -16.48 7.96
CA THR A 180 21.63 -16.15 6.85
C THR A 180 21.32 -14.80 6.22
N ALA A 181 20.04 -14.54 5.95
CA ALA A 181 19.63 -13.25 5.42
C ALA A 181 20.11 -12.09 6.28
N SER A 182 20.00 -12.24 7.60
CA SER A 182 20.39 -11.22 8.56
C SER A 182 21.88 -10.98 8.59
N MET A 183 22.68 -12.06 8.55
CA MET A 183 24.12 -11.86 8.52
C MET A 183 24.53 -11.10 7.25
N LEU A 184 23.93 -11.44 6.10
CA LEU A 184 24.24 -10.71 4.87
C LEU A 184 23.95 -9.22 4.97
N CYS A 185 22.90 -8.85 5.72
CA CYS A 185 22.51 -7.44 5.88
C CYS A 185 23.31 -6.69 6.93
N LEU A 186 24.01 -7.45 7.79
CA LEU A 186 24.86 -6.91 8.85
C LEU A 186 26.30 -6.83 8.37
N VAL B 9 6.21 27.39 -11.77
CA VAL B 9 7.34 27.37 -10.81
C VAL B 9 6.93 26.73 -9.49
N ALA B 10 5.82 27.19 -8.93
CA ALA B 10 5.30 26.68 -7.64
C ALA B 10 4.94 25.17 -7.67
N ARG B 11 5.39 24.41 -6.65
CA ARG B 11 5.39 22.92 -6.67
C ARG B 11 4.87 22.34 -5.34
N CYS B 12 3.64 21.84 -5.35
CA CYS B 12 2.83 21.61 -4.13
C CYS B 12 2.29 20.17 -4.05
N LYS B 13 2.63 19.46 -2.97
CA LYS B 13 2.19 18.07 -2.77
C LYS B 13 0.97 17.96 -1.83
N LEU B 14 -0.14 17.47 -2.37
CA LEU B 14 -1.38 17.30 -1.63
C LEU B 14 -1.83 15.83 -1.55
N VAL B 15 -2.15 15.32 -0.36
CA VAL B 15 -2.58 13.91 -0.21
C VAL B 15 -4.05 13.86 0.19
N LEU B 16 -4.86 13.06 -0.52
CA LEU B 16 -6.29 12.90 -0.18
C LEU B 16 -6.50 11.61 0.58
N VAL B 17 -7.15 11.71 1.74
CA VAL B 17 -7.55 10.57 2.56
C VAL B 17 -9.00 10.73 3.01
N GLY B 18 -9.61 9.65 3.50
CA GLY B 18 -10.99 9.61 3.92
C GLY B 18 -11.60 8.26 3.58
N ASP B 19 -12.81 8.02 4.07
CA ASP B 19 -13.48 6.73 3.93
C ASP B 19 -13.65 6.23 2.48
N VAL B 20 -13.72 4.91 2.31
CA VAL B 20 -14.08 4.35 0.99
C VAL B 20 -15.39 4.97 0.44
N GLN B 21 -15.42 5.24 -0.86
CA GLN B 21 -16.59 5.82 -1.54
C GLN B 21 -16.98 7.25 -1.20
N CYS B 22 -16.17 7.95 -0.44
CA CYS B 22 -16.49 9.32 0.00
C CYS B 22 -16.38 10.38 -1.10
N GLY B 23 -15.65 10.10 -2.18
CA GLY B 23 -15.56 11.02 -3.34
C GLY B 23 -14.19 11.54 -3.74
N LYS B 24 -13.12 10.95 -3.19
CA LYS B 24 -11.71 11.39 -3.44
C LYS B 24 -11.29 11.28 -4.89
N THR B 25 -11.47 10.08 -5.46
CA THR B 25 -11.08 9.85 -6.86
C THR B 25 -11.93 10.62 -7.86
N ALA B 26 -13.23 10.73 -7.60
CA ALA B 26 -14.11 11.56 -8.43
C ALA B 26 -13.63 13.00 -8.53
N MET B 27 -13.18 13.58 -7.43
CA MET B 27 -12.63 14.94 -7.45
C MET B 27 -11.37 15.03 -8.30
N LEU B 28 -10.44 14.11 -8.10
CA LEU B 28 -9.17 14.16 -8.83
C LEU B 28 -9.35 13.93 -10.34
N GLN B 29 -10.26 13.04 -10.70
CA GLN B 29 -10.55 12.75 -12.09
C GLN B 29 -11.14 13.99 -12.78
N VAL B 30 -12.02 14.69 -12.05
CA VAL B 30 -12.60 15.92 -12.53
C VAL B 30 -11.53 17.03 -12.67
N LEU B 31 -10.73 17.21 -11.63
CA LEU B 31 -9.67 18.20 -11.64
C LEU B 31 -8.63 17.99 -12.73
N ALA B 32 -8.03 16.79 -12.75
CA ALA B 32 -6.85 16.52 -13.60
C ALA B 32 -7.20 16.03 -15.01
N LYS B 33 -8.36 15.37 -15.14
CA LYS B 33 -8.75 14.71 -16.39
C LYS B 33 -10.05 15.22 -17.02
N ASP B 34 -10.73 16.18 -16.37
CA ASP B 34 -12.05 16.64 -16.84
C ASP B 34 -12.99 15.44 -17.04
N CYS B 35 -12.88 14.48 -16.15
CA CYS B 35 -13.60 13.21 -16.22
C CYS B 35 -14.31 12.93 -14.90
N TYR B 36 -15.54 12.43 -14.97
CA TYR B 36 -16.24 11.99 -13.78
C TYR B 36 -16.50 10.49 -13.89
N PRO B 37 -16.15 9.71 -12.84
CA PRO B 37 -16.41 8.27 -12.83
C PRO B 37 -17.72 7.88 -12.09
N GLU B 38 -18.80 7.68 -12.85
CA GLU B 38 -20.11 7.33 -12.30
C GLU B 38 -20.13 5.98 -11.60
N THR B 39 -19.36 5.03 -12.11
CA THR B 39 -19.20 3.73 -11.46
C THR B 39 -18.00 3.75 -10.52
N TYR B 40 -18.20 3.20 -9.32
CA TYR B 40 -17.19 3.13 -8.27
C TYR B 40 -16.15 2.04 -8.57
N VAL B 41 -14.89 2.47 -8.74
CA VAL B 41 -13.74 1.58 -8.80
C VAL B 41 -12.81 1.93 -7.63
N PRO B 42 -12.73 1.05 -6.61
CA PRO B 42 -11.81 1.25 -5.48
C PRO B 42 -10.39 1.62 -5.95
N THR B 43 -9.82 2.62 -5.30
CA THR B 43 -8.41 2.94 -5.48
C THR B 43 -7.54 1.95 -4.75
N VAL B 44 -6.40 1.66 -5.35
CA VAL B 44 -5.26 1.07 -4.66
C VAL B 44 -4.39 2.26 -4.25
N PHE B 45 -3.70 2.83 -5.23
CA PHE B 45 -2.92 4.05 -5.10
C PHE B 45 -2.70 4.69 -6.48
N GLU B 46 -2.92 5.99 -6.59
CA GLU B 46 -2.61 6.73 -7.82
C GLU B 46 -1.98 8.07 -7.51
N ASN B 47 -1.22 8.58 -8.49
CA ASN B 47 -0.73 9.96 -8.48
C ASN B 47 -1.28 10.74 -9.69
N TYR B 48 -1.65 11.99 -9.46
CA TYR B 48 -2.09 12.88 -10.52
C TYR B 48 -1.23 14.16 -10.51
N THR B 49 -1.14 14.79 -11.67
CA THR B 49 -0.44 16.05 -11.81
C THR B 49 -1.38 17.09 -12.43
N ALA B 50 -1.62 18.19 -11.71
CA ALA B 50 -2.46 19.28 -12.22
C ALA B 50 -1.74 20.62 -12.14
N CYS B 51 -1.94 21.46 -13.16
CA CYS B 51 -1.49 22.84 -13.11
C CYS B 51 -2.69 23.77 -12.96
N LEU B 52 -2.54 24.78 -12.10
CA LEU B 52 -3.54 25.84 -11.98
C LEU B 52 -2.92 27.15 -11.55
N GLU B 53 -3.69 28.24 -11.56
CA GLU B 53 -3.21 29.55 -11.10
C GLU B 53 -3.82 29.93 -9.73
N THR B 54 -3.01 30.56 -8.88
CA THR B 54 -3.50 31.16 -7.64
C THR B 54 -3.85 32.64 -7.88
N GLU B 55 -2.81 33.49 -7.89
CA GLU B 55 -2.96 34.94 -7.98
C GLU B 55 -1.66 35.53 -8.47
N GLU B 56 -1.65 35.98 -9.73
CA GLU B 56 -0.43 36.41 -10.44
C GLU B 56 0.63 35.29 -10.56
N GLN B 57 0.22 34.05 -10.28
CA GLN B 57 1.12 32.90 -10.12
C GLN B 57 0.49 31.61 -10.66
N ARG B 58 1.35 30.69 -11.11
CA ARG B 58 0.95 29.34 -11.57
C ARG B 58 1.58 28.29 -10.64
N VAL B 59 0.84 27.22 -10.36
CA VAL B 59 1.27 26.18 -9.42
C VAL B 59 1.10 24.77 -10.00
N GLU B 60 2.10 23.92 -9.77
CA GLU B 60 2.07 22.52 -10.19
C GLU B 60 1.71 21.63 -8.99
N LEU B 61 0.55 21.00 -9.06
CA LEU B 61 0.09 20.12 -8.01
C LEU B 61 0.47 18.66 -8.26
N SER B 62 1.05 18.03 -7.24
CA SER B 62 1.32 16.59 -7.20
C SER B 62 0.30 16.00 -6.21
N LEU B 63 -0.66 15.26 -6.75
CA LEU B 63 -1.83 14.82 -6.03
C LEU B 63 -1.80 13.32 -5.80
N TRP B 64 -1.84 12.92 -4.54
CA TRP B 64 -1.69 11.52 -4.17
C TRP B 64 -3.05 11.03 -3.70
N ASP B 65 -3.60 10.06 -4.43
CA ASP B 65 -4.92 9.46 -4.19
C ASP B 65 -4.74 8.14 -3.43
N THR B 66 -5.29 8.04 -2.23
CA THR B 66 -5.15 6.85 -1.41
C THR B 66 -6.50 6.16 -1.33
N SER B 67 -6.46 4.89 -0.95
CA SER B 67 -7.64 4.09 -0.63
C SER B 67 -8.04 4.38 0.81
N GLY B 68 -9.34 4.48 1.07
CA GLY B 68 -9.84 4.65 2.43
C GLY B 68 -9.97 3.36 3.22
N SER B 69 -9.57 2.25 2.60
CA SER B 69 -9.65 0.92 3.19
C SER B 69 -8.64 0.68 4.33
N PRO B 70 -9.09 0.09 5.45
CA PRO B 70 -8.21 -0.23 6.59
C PRO B 70 -7.16 -1.29 6.25
N TYR B 71 -7.44 -2.09 5.22
CA TYR B 71 -6.41 -3.00 4.71
C TYR B 71 -5.08 -2.29 4.44
N TYR B 72 -5.12 -1.00 4.13
CA TYR B 72 -3.89 -0.29 3.78
C TYR B 72 -3.34 0.58 4.92
N ASP B 73 -3.81 0.37 6.14
CA ASP B 73 -3.45 1.23 7.28
C ASP B 73 -1.95 1.25 7.54
N ASN B 74 -1.32 0.10 7.32
CA ASN B 74 0.11 -0.01 7.51
C ASN B 74 0.99 0.67 6.44
N VAL B 75 0.44 0.92 5.25
CA VAL B 75 1.22 1.41 4.12
C VAL B 75 0.90 2.86 3.75
N ARG B 76 -0.36 3.29 3.94
CA ARG B 76 -0.81 4.62 3.53
C ARG B 76 -0.05 5.82 4.14
N PRO B 77 0.31 5.74 5.43
CA PRO B 77 1.17 6.81 5.94
C PRO B 77 2.54 7.03 5.23
N LEU B 78 3.02 6.09 4.42
CA LEU B 78 4.27 6.33 3.66
C LEU B 78 4.12 7.43 2.58
N CYS B 79 2.87 7.80 2.25
CA CYS B 79 2.56 8.88 1.30
C CYS B 79 2.57 10.27 1.88
N TYR B 80 2.54 10.37 3.20
CA TYR B 80 2.45 11.67 3.87
C TYR B 80 3.73 12.49 3.81
N SER B 81 4.87 11.86 3.54
CA SER B 81 6.16 12.55 3.63
C SER B 81 6.21 13.77 2.71
N ASP B 82 6.67 14.89 3.26
CA ASP B 82 6.97 16.09 2.49
C ASP B 82 5.75 16.68 1.79
N SER B 83 4.58 16.39 2.37
CA SER B 83 3.33 16.90 1.85
C SER B 83 3.13 18.32 2.32
N ASP B 84 2.59 19.15 1.45
CA ASP B 84 2.25 20.52 1.81
C ASP B 84 0.93 20.55 2.59
N ALA B 85 0.00 19.65 2.25
CA ALA B 85 -1.23 19.47 3.01
C ALA B 85 -1.86 18.08 2.77
N VAL B 86 -2.57 17.60 3.79
CA VAL B 86 -3.44 16.44 3.68
C VAL B 86 -4.86 16.98 3.58
N LEU B 87 -5.60 16.54 2.55
CA LEU B 87 -7.01 16.83 2.43
C LEU B 87 -7.80 15.68 3.02
N LEU B 88 -8.47 15.96 4.14
CA LEU B 88 -9.31 15.02 4.82
C LEU B 88 -10.72 15.13 4.26
N CYS B 89 -11.13 14.10 3.52
CA CYS B 89 -12.37 14.10 2.76
C CYS B 89 -13.45 13.28 3.45
N PHE B 90 -14.70 13.69 3.26
CA PHE B 90 -15.84 12.98 3.80
C PHE B 90 -17.04 13.24 2.88
N ASP B 91 -17.98 12.30 2.86
CA ASP B 91 -19.19 12.37 2.07
C ASP B 91 -20.21 13.07 2.95
N ILE B 92 -20.69 14.25 2.51
CA ILE B 92 -21.70 15.01 3.27
C ILE B 92 -23.03 14.23 3.44
N SER B 93 -23.30 13.24 2.59
CA SER B 93 -24.50 12.39 2.79
C SER B 93 -24.32 11.29 3.86
N ARG B 94 -23.16 11.23 4.53
CA ARG B 94 -22.87 10.18 5.53
C ARG B 94 -22.56 10.77 6.92
N PRO B 95 -23.55 11.42 7.56
CA PRO B 95 -23.29 12.11 8.83
C PRO B 95 -22.85 11.26 10.05
N GLU B 96 -23.06 9.94 10.04
CA GLU B 96 -22.53 9.06 11.11
C GLU B 96 -20.99 8.89 11.03
N THR B 97 -20.43 9.01 9.83
CA THR B 97 -18.98 8.83 9.59
C THR B 97 -18.10 10.01 10.05
N VAL B 98 -18.72 11.00 10.69
CA VAL B 98 -18.10 12.31 10.86
C VAL B 98 -17.56 12.52 12.25
N ASP B 99 -18.20 11.93 13.25
CA ASP B 99 -17.62 11.95 14.58
C ASP B 99 -16.43 10.97 14.57
N SER B 100 -16.71 9.68 14.79
CA SER B 100 -15.66 8.70 15.07
C SER B 100 -14.64 8.48 13.93
N ALA B 101 -15.11 8.50 12.68
CA ALA B 101 -14.27 8.16 11.53
C ALA B 101 -13.26 9.25 11.20
N LEU B 102 -13.73 10.49 11.15
CA LEU B 102 -12.84 11.63 10.89
C LEU B 102 -11.79 11.87 11.99
N LYS B 103 -12.15 11.51 13.22
CA LYS B 103 -11.22 11.46 14.35
C LYS B 103 -10.07 10.43 14.15
N LYS B 104 -10.43 9.19 13.81
CA LYS B 104 -9.47 8.19 13.28
C LYS B 104 -8.55 8.75 12.18
N TRP B 105 -9.13 9.36 11.15
CA TRP B 105 -8.32 9.94 10.06
C TRP B 105 -7.38 11.06 10.57
N ARG B 106 -7.93 11.93 11.42
CA ARG B 106 -7.17 13.08 11.93
C ARG B 106 -6.02 12.62 12.82
N THR B 107 -6.25 11.55 13.59
CA THR B 107 -5.23 10.94 14.43
C THR B 107 -4.10 10.26 13.62
N GLU B 108 -4.44 9.51 12.60
CA GLU B 108 -3.43 8.94 11.71
C GLU B 108 -2.48 10.04 11.18
N ILE B 109 -3.03 11.16 10.69
CA ILE B 109 -2.21 12.28 10.16
C ILE B 109 -1.35 12.92 11.27
N LEU B 110 -1.95 13.15 12.43
CA LEU B 110 -1.23 13.61 13.62
C LEU B 110 -0.11 12.67 14.07
N ASP B 111 -0.41 11.37 14.12
CA ASP B 111 0.59 10.32 14.40
C ASP B 111 1.71 10.22 13.35
N TYR B 112 1.47 10.60 12.09
CA TYR B 112 2.59 10.75 11.15
C TYR B 112 3.47 11.96 11.50
N CYS B 113 2.85 13.14 11.53
CA CYS B 113 3.54 14.36 11.91
C CYS B 113 2.50 15.43 12.24
N PRO B 114 2.58 16.02 13.46
CA PRO B 114 1.66 17.07 13.89
C PRO B 114 1.85 18.40 13.17
N SER B 115 2.92 18.54 12.38
CA SER B 115 3.19 19.78 11.66
C SER B 115 2.44 19.84 10.34
N THR B 116 1.92 18.70 9.90
CA THR B 116 1.24 18.62 8.64
C THR B 116 -0.13 19.33 8.68
N ARG B 117 -0.29 20.24 7.72
CA ARG B 117 -1.48 21.02 7.48
C ARG B 117 -2.63 20.13 7.03
N VAL B 118 -3.82 20.36 7.60
CA VAL B 118 -5.01 19.60 7.25
C VAL B 118 -6.12 20.52 6.76
N LEU B 119 -6.69 20.16 5.62
CA LEU B 119 -7.84 20.82 5.05
C LEU B 119 -8.99 19.80 5.07
N LEU B 120 -10.17 20.23 5.51
CA LEU B 120 -11.34 19.37 5.53
C LEU B 120 -12.16 19.65 4.27
N ILE B 121 -12.42 18.58 3.51
CA ILE B 121 -13.10 18.66 2.26
C ILE B 121 -14.39 17.84 2.28
N GLY B 122 -15.52 18.52 2.13
CA GLY B 122 -16.80 17.87 1.95
C GLY B 122 -17.09 17.57 0.49
N CYS B 123 -17.60 16.37 0.27
CA CYS B 123 -17.84 15.85 -1.07
C CYS B 123 -19.33 15.56 -1.23
N LYS B 124 -19.79 15.62 -2.47
CA LYS B 124 -21.15 15.24 -2.86
C LYS B 124 -22.22 16.18 -2.33
N THR B 125 -21.96 17.47 -2.38
CA THR B 125 -22.90 18.47 -1.83
C THR B 125 -24.23 18.56 -2.57
N ASP B 126 -24.28 18.02 -3.80
CA ASP B 126 -25.55 17.86 -4.54
C ASP B 126 -26.56 16.94 -3.83
N LEU B 127 -26.07 16.06 -2.95
CA LEU B 127 -26.92 15.13 -2.21
C LEU B 127 -27.67 15.83 -1.09
N ARG B 128 -27.32 17.08 -0.80
CA ARG B 128 -28.04 17.87 0.20
C ARG B 128 -29.54 17.99 -0.08
N THR B 129 -29.88 18.11 -1.36
CA THR B 129 -31.25 18.30 -1.80
C THR B 129 -31.84 17.03 -2.41
N ASP B 130 -31.08 15.94 -2.36
CA ASP B 130 -31.52 14.66 -2.91
C ASP B 130 -32.50 14.00 -1.94
N LEU B 131 -33.67 13.61 -2.46
CA LEU B 131 -34.77 13.09 -1.64
C LEU B 131 -34.50 11.69 -1.05
N SER B 132 -33.93 10.80 -1.87
CA SER B 132 -33.53 9.48 -1.39
C SER B 132 -32.62 9.56 -0.15
N THR B 133 -31.56 10.34 -0.28
CA THR B 133 -30.62 10.61 0.81
C THR B 133 -31.32 11.17 2.04
N LEU B 134 -32.15 12.20 1.84
CA LEU B 134 -32.91 12.82 2.93
C LEU B 134 -33.79 11.84 3.72
N MET B 135 -34.57 11.03 3.00
CA MET B 135 -35.50 10.09 3.63
C MET B 135 -34.77 8.95 4.31
N GLU B 136 -33.79 8.37 3.61
CA GLU B 136 -32.91 7.32 4.12
C GLU B 136 -32.26 7.73 5.45
N LEU B 137 -31.77 8.97 5.50
CA LEU B 137 -31.10 9.49 6.69
C LEU B 137 -32.06 9.93 7.77
N SER B 138 -33.28 10.29 7.38
CA SER B 138 -34.31 10.77 8.32
C SER B 138 -34.77 9.68 9.31
N HIS B 139 -34.85 8.43 8.85
CA HIS B 139 -35.15 7.32 9.76
C HIS B 139 -33.91 6.75 10.49
N GLN B 140 -32.74 7.35 10.26
CA GLN B 140 -31.59 7.26 11.18
C GLN B 140 -31.58 8.46 12.15
N LYS B 141 -32.60 9.31 12.07
CA LYS B 141 -32.67 10.56 12.83
C LYS B 141 -31.51 11.49 12.46
N GLN B 142 -31.20 11.53 11.16
CA GLN B 142 -30.08 12.29 10.64
C GLN B 142 -30.42 13.08 9.37
N ALA B 143 -29.47 13.91 8.95
CA ALA B 143 -29.61 14.76 7.78
C ALA B 143 -28.21 15.05 7.22
N PRO B 144 -28.14 15.39 5.91
CA PRO B 144 -26.84 15.67 5.30
C PRO B 144 -26.05 16.73 6.05
N ILE B 145 -24.72 16.66 5.97
CA ILE B 145 -23.87 17.62 6.67
C ILE B 145 -23.98 18.94 5.95
N SER B 146 -24.42 19.99 6.66
CA SER B 146 -24.51 21.36 6.10
C SER B 146 -23.15 22.06 6.08
N TYR B 147 -23.10 23.16 5.32
CA TYR B 147 -21.89 23.99 5.26
C TYR B 147 -21.45 24.43 6.66
N GLU B 148 -22.43 24.86 7.46
CA GLU B 148 -22.20 25.33 8.82
C GLU B 148 -21.56 24.24 9.71
N GLN B 149 -22.10 23.02 9.66
CA GLN B 149 -21.54 21.86 10.36
C GLN B 149 -20.13 21.51 9.85
N GLY B 150 -19.92 21.59 8.54
CA GLY B 150 -18.57 21.41 8.00
C GLY B 150 -17.55 22.33 8.67
N CYS B 151 -17.92 23.60 8.85
CA CYS B 151 -17.01 24.59 9.45
C CYS B 151 -16.74 24.27 10.92
N ALA B 152 -17.77 23.80 11.65
CA ALA B 152 -17.61 23.37 13.05
C ALA B 152 -16.74 22.11 13.20
N ILE B 153 -16.93 21.14 12.32
CA ILE B 153 -16.14 19.91 12.34
C ILE B 153 -14.65 20.22 12.07
N ALA B 154 -14.39 21.14 11.14
CA ALA B 154 -13.04 21.60 10.79
C ALA B 154 -12.36 22.19 12.00
N LYS B 155 -13.10 23.01 12.76
CA LYS B 155 -12.59 23.60 13.99
C LYS B 155 -12.21 22.55 15.03
N GLN B 156 -13.07 21.56 15.24
CA GLN B 156 -12.79 20.54 16.24
C GLN B 156 -11.80 19.45 15.81
N LEU B 157 -11.53 19.35 14.51
CA LEU B 157 -10.45 18.50 13.99
C LEU B 157 -9.16 19.29 13.70
N GLY B 158 -9.13 20.58 14.05
CA GLY B 158 -7.95 21.41 13.82
C GLY B 158 -7.57 21.54 12.34
N ALA B 159 -8.56 21.58 11.47
CA ALA B 159 -8.32 21.79 10.05
C ALA B 159 -8.26 23.30 9.80
N GLU B 160 -7.43 23.73 8.86
CA GLU B 160 -7.29 25.18 8.61
C GLU B 160 -8.52 25.79 7.94
N ILE B 161 -9.28 24.96 7.25
CA ILE B 161 -10.44 25.43 6.53
C ILE B 161 -11.37 24.24 6.25
N TYR B 162 -12.64 24.55 6.05
CA TYR B 162 -13.59 23.63 5.42
C TYR B 162 -13.95 24.15 4.02
N LEU B 163 -13.75 23.29 3.03
CA LEU B 163 -14.11 23.56 1.65
C LEU B 163 -14.99 22.43 1.20
N GLU B 164 -15.86 22.69 0.24
CA GLU B 164 -16.76 21.66 -0.26
C GLU B 164 -17.08 21.82 -1.74
N GLY B 165 -17.61 20.76 -2.32
CA GLY B 165 -17.89 20.76 -3.73
C GLY B 165 -18.77 19.60 -4.13
N SER B 166 -19.01 19.50 -5.42
CA SER B 166 -19.75 18.42 -6.03
C SER B 166 -19.04 18.08 -7.33
N ALA B 167 -18.31 16.98 -7.34
CA ALA B 167 -17.65 16.52 -8.54
C ALA B 167 -18.69 16.14 -9.59
N PHE B 168 -19.84 15.63 -9.13
CA PHE B 168 -20.90 15.18 -10.02
C PHE B 168 -21.63 16.32 -10.77
N THR B 169 -21.88 17.45 -10.11
CA THR B 169 -22.66 18.53 -10.71
C THR B 169 -21.92 19.85 -10.96
N SER B 170 -20.70 20.02 -10.46
CA SER B 170 -20.01 21.30 -10.63
C SER B 170 -18.49 21.17 -10.67
N GLU B 171 -17.96 21.06 -11.88
CA GLU B 171 -16.52 21.00 -12.08
C GLU B 171 -15.79 22.18 -11.48
N LYS B 172 -16.39 23.37 -11.59
CA LYS B 172 -15.77 24.59 -11.08
C LYS B 172 -15.70 24.62 -9.55
N SER B 173 -16.63 23.97 -8.86
CA SER B 173 -16.54 23.80 -7.40
C SER B 173 -15.23 23.04 -7.05
N ILE B 174 -14.87 22.08 -7.91
CA ILE B 174 -13.68 21.27 -7.70
C ILE B 174 -12.37 22.03 -7.99
N HIS B 175 -12.27 22.71 -9.13
CA HIS B 175 -11.10 23.56 -9.39
C HIS B 175 -10.96 24.65 -8.29
N SER B 176 -12.09 25.15 -7.79
CA SER B 176 -12.06 26.14 -6.71
C SER B 176 -11.44 25.61 -5.41
N ILE B 177 -11.84 24.40 -5.00
CA ILE B 177 -11.26 23.72 -3.84
C ILE B 177 -9.74 23.68 -3.90
N PHE B 178 -9.21 23.27 -5.04
CA PHE B 178 -7.78 23.10 -5.19
C PHE B 178 -7.03 24.39 -5.40
N ARG B 179 -7.64 25.40 -6.03
CA ARG B 179 -7.03 26.72 -6.09
C ARG B 179 -6.83 27.30 -4.68
N THR B 180 -7.89 27.24 -3.85
CA THR B 180 -7.80 27.69 -2.47
C THR B 180 -6.78 26.87 -1.70
N ALA B 181 -6.84 25.54 -1.84
CA ALA B 181 -5.87 24.64 -1.20
C ALA B 181 -4.44 25.05 -1.48
N SER B 182 -4.18 25.43 -2.74
CA SER B 182 -2.86 25.83 -3.17
C SER B 182 -2.42 27.18 -2.61
N MET B 183 -3.36 28.13 -2.52
CA MET B 183 -3.10 29.42 -1.90
C MET B 183 -2.69 29.19 -0.41
N LEU B 184 -3.40 28.30 0.28
CA LEU B 184 -3.08 28.01 1.68
C LEU B 184 -1.68 27.43 1.87
N CYS B 185 -1.22 26.63 0.90
CA CYS B 185 0.10 25.98 0.96
C CYS B 185 1.29 26.87 0.59
N LEU B 186 1.05 27.90 -0.21
CA LEU B 186 2.10 28.82 -0.60
C LEU B 186 2.04 30.04 0.30
PG GTP C . 0.02 -14.19 -1.69
O1G GTP C . 1.00 -13.22 -2.47
O2G GTP C . -1.23 -14.30 -2.58
O3G GTP C . -0.22 -13.66 -0.33
O3B GTP C . 0.68 -15.67 -1.64
PB GTP C . 1.79 -16.29 -0.63
O1B GTP C . 1.83 -15.55 0.73
O2B GTP C . 3.11 -16.19 -1.28
O3A GTP C . 1.31 -17.77 -0.38
PA GTP C . 1.25 -18.61 1.00
O1A GTP C . -0.11 -18.20 1.74
O2A GTP C . 2.36 -18.44 1.96
O5' GTP C . 1.16 -20.02 0.53
C5' GTP C . 0.16 -20.46 -0.42
C4' GTP C . -0.26 -21.93 -0.03
O4' GTP C . 0.84 -22.70 -0.51
C3' GTP C . -0.25 -22.19 1.47
O3' GTP C . -1.50 -21.93 2.06
C2' GTP C . 0.07 -23.66 1.55
O2' GTP C . -1.12 -24.44 1.19
C1' GTP C . 1.14 -23.75 0.44
N9 GTP C . 2.54 -23.75 1.02
C8 GTP C . 3.18 -22.78 1.70
N7 GTP C . 4.37 -23.24 2.03
C5 GTP C . 4.51 -24.49 1.59
C6 GTP C . 5.54 -25.45 1.65
O6 GTP C . 6.58 -25.24 2.24
N1 GTP C . 5.32 -26.68 1.06
C2 GTP C . 4.10 -26.95 0.44
N2 GTP C . 3.92 -28.14 -0.14
N3 GTP C . 3.13 -26.02 0.39
C4 GTP C . 3.32 -24.81 0.96
MG MG D . 0.57 -14.11 1.38
PG GTP E . -11.79 4.74 -2.30
O1G GTP E . -12.28 3.29 -2.21
O2G GTP E . -10.95 4.87 -3.58
O3G GTP E . -11.04 5.20 -1.10
O3B GTP E . -13.17 5.62 -2.62
PB GTP E . -13.25 7.16 -3.13
O1B GTP E . -12.08 7.50 -4.12
O2B GTP E . -13.15 8.20 -2.06
O3A GTP E . -14.67 7.16 -3.92
PA GTP E . -14.97 7.73 -5.44
O1A GTP E . -14.50 6.61 -6.55
O2A GTP E . -14.30 9.01 -5.79
O5' GTP E . -16.49 7.78 -5.37
C5' GTP E . -17.33 6.69 -5.27
C4' GTP E . -18.61 7.00 -6.07
O4' GTP E . -19.35 8.08 -5.35
C3' GTP E . -18.32 7.64 -7.40
O3' GTP E . -18.10 6.63 -8.38
C2' GTP E . -19.68 8.34 -7.67
O2' GTP E . -20.66 7.41 -8.18
C1' GTP E . -20.09 8.86 -6.27
N9 GTP E . -19.69 10.30 -6.27
C8 GTP E . -18.47 10.86 -6.38
N7 GTP E . -18.58 12.19 -6.37
C5 GTP E . -19.87 12.49 -6.26
C6 GTP E . -20.59 13.69 -6.19
O6 GTP E . -20.03 14.79 -6.22
N1 GTP E . -21.96 13.60 -6.07
C2 GTP E . -22.63 12.38 -6.04
N2 GTP E . -23.96 12.34 -5.92
N3 GTP E . -21.94 11.26 -6.11
C4 GTP E . -20.59 11.29 -6.19
MG MG F . -10.54 6.33 -5.06
#